data_5K2H
# 
_entry.id   5K2H 
# 
_audit_conform.dict_name       mmcif_pdbx.dic 
_audit_conform.dict_version    5.387 
_audit_conform.dict_location   http://mmcif.pdb.org/dictionaries/ascii/mmcif_pdbx.dic 
# 
loop_
_database_2.database_id 
_database_2.database_code 
_database_2.pdbx_database_accession 
_database_2.pdbx_DOI 
PDB   5K2H         pdb_00005k2h 10.2210/pdb5k2h/pdb 
WWPDB D_1000221630 ?            ?                   
EMDB  EMD-8199     ?            ?                   
# 
loop_
_pdbx_audit_revision_history.ordinal 
_pdbx_audit_revision_history.data_content_type 
_pdbx_audit_revision_history.major_revision 
_pdbx_audit_revision_history.minor_revision 
_pdbx_audit_revision_history.revision_date 
1  'Structure model' 1 0 2016-09-14 
2  'Structure model' 1 1 2016-09-21 
3  'Structure model' 1 2 2016-10-05 
4  'Structure model' 1 3 2016-10-19 
5  'Structure model' 1 4 2016-11-30 
6  'Structure model' 1 5 2017-09-13 
7  'Structure model' 1 6 2018-04-25 
8  'Structure model' 1 7 2019-11-20 
9  'Structure model' 1 8 2021-06-30 
10 'Structure model' 1 9 2024-03-06 
# 
_pdbx_audit_revision_details.ordinal             1 
_pdbx_audit_revision_details.revision_ordinal    1 
_pdbx_audit_revision_details.data_content_type   'Structure model' 
_pdbx_audit_revision_details.provider            repository 
_pdbx_audit_revision_details.type                'Initial release' 
_pdbx_audit_revision_details.description         ? 
_pdbx_audit_revision_details.details             ? 
# 
loop_
_pdbx_audit_revision_group.ordinal 
_pdbx_audit_revision_group.revision_ordinal 
_pdbx_audit_revision_group.data_content_type 
_pdbx_audit_revision_group.group 
1  2  'Structure model' 'Database references'        
2  3  'Structure model' 'Database references'        
3  4  'Structure model' 'Database references'        
4  5  'Structure model' 'Refinement description'     
5  6  'Structure model' 'Author supporting evidence' 
6  6  'Structure model' 'Data collection'            
7  7  'Structure model' 'Data collection'            
8  8  'Structure model' 'Author supporting evidence' 
9  9  'Structure model' 'Data collection'            
10 10 'Structure model' 'Data collection'            
11 10 'Structure model' 'Database references'        
# 
loop_
_pdbx_audit_revision_category.ordinal 
_pdbx_audit_revision_category.revision_ordinal 
_pdbx_audit_revision_category.data_content_type 
_pdbx_audit_revision_category.category 
1 6  'Structure model' em_software        
2 6  'Structure model' pdbx_audit_support 
3 7  'Structure model' diffrn_source      
4 8  'Structure model' pdbx_audit_support 
5 9  'Structure model' diffrn_detector    
6 10 'Structure model' chem_comp_atom     
7 10 'Structure model' chem_comp_bond     
8 10 'Structure model' database_2         
# 
loop_
_pdbx_audit_revision_item.ordinal 
_pdbx_audit_revision_item.revision_ordinal 
_pdbx_audit_revision_item.data_content_type 
_pdbx_audit_revision_item.item 
1 6  'Structure model' '_em_software.name'                        
2 6  'Structure model' '_pdbx_audit_support.funding_organization' 
3 7  'Structure model' '_diffrn_source.source'                    
4 8  'Structure model' '_pdbx_audit_support.funding_organization' 
5 9  'Structure model' '_diffrn_detector.detector'                
6 10 'Structure model' '_database_2.pdbx_DOI'                     
7 10 'Structure model' '_database_2.pdbx_database_accession'      
# 
_pdbx_database_status.status_code                     REL 
_pdbx_database_status.status_code_sf                  REL 
_pdbx_database_status.status_code_mr                  ? 
_pdbx_database_status.entry_id                        5K2H 
_pdbx_database_status.recvd_initial_deposition_date   2016-05-18 
_pdbx_database_status.SG_entry                        N 
_pdbx_database_status.deposit_site                    RCSB 
_pdbx_database_status.process_site                    RCSB 
_pdbx_database_status.status_code_cs                  ? 
_pdbx_database_status.methods_development_category    ? 
_pdbx_database_status.pdb_format_compatible           Y 
_pdbx_database_status.status_code_nmr_data            ? 
# 
loop_
_pdbx_database_related.db_name 
_pdbx_database_related.details 
_pdbx_database_related.db_id 
_pdbx_database_related.content_type 
EMDB .                                                   EMD-8199 'associated EM volume' 
EMDB .                                                   EMD-8196 'other EM volume'      
EMDB .                                                   EMD-8197 'other EM volume'      
EMDB .                                                   EMD-8198 'other EM volume'      
PDB  'NNQQNY from yeast prion Sup35 with zinc'           5K2E     unspecified            
PDB  'NNQQNY from yeast prion Sup35 with cadmium'        5K2F     unspecified            
PDB  'GNNQQNY from yeast prion Sup35 in space group P21' 5K2G     unspecified            
# 
loop_
_audit_author.name 
_audit_author.pdbx_ordinal 
'Rodriguez, J.A.' 1 
'Sawaya, M.R.'    2 
'Cascio, D.'      3 
'Eisenberg, D.S.' 4 
# 
_citation.abstract                  ? 
_citation.abstract_id_CAS           ? 
_citation.book_id_ISBN              ? 
_citation.book_publisher            ? 
_citation.book_publisher_city       ? 
_citation.book_title                ? 
_citation.coordinate_linkage        ? 
_citation.country                   US 
_citation.database_id_Medline       ? 
_citation.details                   ? 
_citation.id                        primary 
_citation.journal_abbrev            Proc.Natl.Acad.Sci.USA 
_citation.journal_id_ASTM           PNASA6 
_citation.journal_id_CSD            0040 
_citation.journal_id_ISSN           1091-6490 
_citation.journal_full              ? 
_citation.journal_issue             ? 
_citation.journal_volume            113 
_citation.language                  ? 
_citation.page_first                11232 
_citation.page_last                 11236 
_citation.title                     'Ab initio structure determination from prion nanocrystals at atomic resolution by MicroED.' 
_citation.year                      2016 
_citation.database_id_CSD           ? 
_citation.pdbx_database_id_DOI      10.1073/pnas.1606287113 
_citation.pdbx_database_id_PubMed   27647903 
_citation.unpublished_flag          ? 
# 
loop_
_citation_author.citation_id 
_citation_author.name 
_citation_author.ordinal 
_citation_author.identifier_ORCID 
primary 'Sawaya, M.R.'    1 ? 
primary 'Rodriguez, J.'   2 ? 
primary 'Cascio, D.'      3 ? 
primary 'Collazo, M.J.'   4 ? 
primary 'Shi, D.'         5 ? 
primary 'Reyes, F.E.'     6 ? 
primary 'Hattne, J.'      7 ? 
primary 'Gonen, T.'       8 ? 
primary 'Eisenberg, D.S.' 9 ? 
# 
loop_
_entity.id 
_entity.type 
_entity.src_method 
_entity.pdbx_description 
_entity.formula_weight 
_entity.pdbx_number_of_molecules 
_entity.pdbx_ec 
_entity.pdbx_mutation 
_entity.pdbx_fragment 
_entity.details 
1 polymer syn 'Eukaryotic peptide chain release factor GTP-binding subunit' 836.807 1 ? ? 'UNP residues 7-13' ? 
2 water   nat water                                                         18.015  6 ? ? ?                   ? 
# 
_entity_name_com.entity_id   1 
_entity_name_com.name        
;SUP35, ERF-3, ERF3, ERF2, G1 to S phase transition protein 1, Omnipotent suppressor protein 2, PSI no more protein 2, Polypeptide release factor 3, Translation release factor 3
;
# 
_entity_poly.entity_id                      1 
_entity_poly.type                           'polypeptide(L)' 
_entity_poly.nstd_linkage                   no 
_entity_poly.nstd_monomer                   no 
_entity_poly.pdbx_seq_one_letter_code       GNNQQNY 
_entity_poly.pdbx_seq_one_letter_code_can   GNNQQNY 
_entity_poly.pdbx_strand_id                 A 
_entity_poly.pdbx_target_identifier         ? 
# 
_pdbx_entity_nonpoly.entity_id   2 
_pdbx_entity_nonpoly.name        water 
_pdbx_entity_nonpoly.comp_id     HOH 
# 
loop_
_entity_poly_seq.entity_id 
_entity_poly_seq.num 
_entity_poly_seq.mon_id 
_entity_poly_seq.hetero 
1 1 GLY n 
1 2 ASN n 
1 3 ASN n 
1 4 GLN n 
1 5 GLN n 
1 6 ASN n 
1 7 TYR n 
# 
_pdbx_entity_src_syn.entity_id              1 
_pdbx_entity_src_syn.pdbx_src_id            1 
_pdbx_entity_src_syn.pdbx_alt_source_flag   sample 
_pdbx_entity_src_syn.pdbx_beg_seq_num       1 
_pdbx_entity_src_syn.pdbx_end_seq_num       7 
_pdbx_entity_src_syn.organism_scientific    'Saccharomyces cerevisiae' 
_pdbx_entity_src_syn.organism_common_name   
;Baker's yeast
;
_pdbx_entity_src_syn.ncbi_taxonomy_id       4932 
_pdbx_entity_src_syn.details                ? 
# 
loop_
_chem_comp.id 
_chem_comp.type 
_chem_comp.mon_nstd_flag 
_chem_comp.name 
_chem_comp.pdbx_synonyms 
_chem_comp.formula 
_chem_comp.formula_weight 
ASN 'L-peptide linking' y ASPARAGINE ? 'C4 H8 N2 O3'  132.118 
GLN 'L-peptide linking' y GLUTAMINE  ? 'C5 H10 N2 O3' 146.144 
GLY 'peptide linking'   y GLYCINE    ? 'C2 H5 N O2'   75.067  
HOH non-polymer         . WATER      ? 'H2 O'         18.015  
TYR 'L-peptide linking' y TYROSINE   ? 'C9 H11 N O3'  181.189 
# 
loop_
_pdbx_poly_seq_scheme.asym_id 
_pdbx_poly_seq_scheme.entity_id 
_pdbx_poly_seq_scheme.seq_id 
_pdbx_poly_seq_scheme.mon_id 
_pdbx_poly_seq_scheme.ndb_seq_num 
_pdbx_poly_seq_scheme.pdb_seq_num 
_pdbx_poly_seq_scheme.auth_seq_num 
_pdbx_poly_seq_scheme.pdb_mon_id 
_pdbx_poly_seq_scheme.auth_mon_id 
_pdbx_poly_seq_scheme.pdb_strand_id 
_pdbx_poly_seq_scheme.pdb_ins_code 
_pdbx_poly_seq_scheme.hetero 
A 1 1 GLY 1 1 1 GLY GLY A . n 
A 1 2 ASN 2 2 2 ASN ASN A . n 
A 1 3 ASN 3 3 3 ASN ASN A . n 
A 1 4 GLN 4 4 4 GLN GLN A . n 
A 1 5 GLN 5 5 5 GLN GLN A . n 
A 1 6 ASN 6 6 6 ASN ASN A . n 
A 1 7 TYR 7 7 7 TYR TYR A . n 
# 
loop_
_pdbx_nonpoly_scheme.asym_id 
_pdbx_nonpoly_scheme.entity_id 
_pdbx_nonpoly_scheme.mon_id 
_pdbx_nonpoly_scheme.ndb_seq_num 
_pdbx_nonpoly_scheme.pdb_seq_num 
_pdbx_nonpoly_scheme.auth_seq_num 
_pdbx_nonpoly_scheme.pdb_mon_id 
_pdbx_nonpoly_scheme.auth_mon_id 
_pdbx_nonpoly_scheme.pdb_strand_id 
_pdbx_nonpoly_scheme.pdb_ins_code 
B 2 HOH 1 101 5 HOH HOH A . 
B 2 HOH 2 102 6 HOH HOH A . 
B 2 HOH 3 103 2 HOH HOH A . 
B 2 HOH 4 104 4 HOH HOH A . 
B 2 HOH 5 105 1 HOH HOH A . 
B 2 HOH 6 106 3 HOH HOH A . 
# 
loop_
_software.citation_id 
_software.classification 
_software.compiler_name 
_software.compiler_version 
_software.contact_author 
_software.contact_author_email 
_software.date 
_software.description 
_software.dependencies 
_software.hardware 
_software.language 
_software.location 
_software.mods 
_software.name 
_software.os 
_software.os_version 
_software.type 
_software.version 
_software.pdbx_ordinal 
? 'data scaling'    ? ? 'Wolfgang Kabsch'    ?                        ?                ? ? ? ?          
http://www.mpimf-heidelberg.mpg.de/~kabsch/xds/html_doc/xscale_program.html ? XSCALE      ? ? package .    1 
? refinement        ? ? 'Garib N. Murshudov' garib@ysbl.york.ac.uk    ?                ? ? ? Fortran_77 
http://www.ccp4.ac.uk/dist/html/refmac5.html                                ? REFMAC      ? ? program .    2 
? 'data extraction' ? ? PDB                  deposit@deposit.rcsb.org 'June. 20, 2015' ? ? ? C++        
http://sw-tools.pdb.org/apps/PDB_EXTRACT/                                   ? PDB_EXTRACT ? ? package 3.20 3 
# 
_cell.angle_alpha                  90.000 
_cell.angle_alpha_esd              ? 
_cell.angle_beta                   90.000 
_cell.angle_beta_esd               ? 
_cell.angle_gamma                  90.000 
_cell.angle_gamma_esd              ? 
_cell.entry_id                     5K2H 
_cell.details                      ? 
_cell.formula_units_Z              ? 
_cell.length_a                     23.160 
_cell.length_a_esd                 ? 
_cell.length_b                     4.930 
_cell.length_b_esd                 ? 
_cell.length_c                     40.510 
_cell.length_c_esd                 ? 
_cell.volume                       ? 
_cell.volume_esd                   ? 
_cell.Z_PDB                        4 
_cell.reciprocal_angle_alpha       ? 
_cell.reciprocal_angle_beta        ? 
_cell.reciprocal_angle_gamma       ? 
_cell.reciprocal_angle_alpha_esd   ? 
_cell.reciprocal_angle_beta_esd    ? 
_cell.reciprocal_angle_gamma_esd   ? 
_cell.reciprocal_length_a          ? 
_cell.reciprocal_length_b          ? 
_cell.reciprocal_length_c          ? 
_cell.reciprocal_length_a_esd      ? 
_cell.reciprocal_length_b_esd      ? 
_cell.reciprocal_length_c_esd      ? 
_cell.pdbx_unique_axis             ? 
# 
_symmetry.entry_id                         5K2H 
_symmetry.cell_setting                     ? 
_symmetry.Int_Tables_number                19 
_symmetry.space_group_name_Hall            ? 
_symmetry.space_group_name_H-M             'P 21 21 21' 
_symmetry.pdbx_full_space_group_name_H-M   ? 
# 
_exptl.absorpt_coefficient_mu     ? 
_exptl.absorpt_correction_T_max   ? 
_exptl.absorpt_correction_T_min   ? 
_exptl.absorpt_correction_type    ? 
_exptl.absorpt_process_details    ? 
_exptl.entry_id                   5K2H 
_exptl.crystals_number            ? 
_exptl.details                    ? 
_exptl.method                     'ELECTRON CRYSTALLOGRAPHY' 
_exptl.method_details             ? 
# 
_exptl_crystal.colour                      ? 
_exptl_crystal.density_diffrn              ? 
_exptl_crystal.density_Matthews            ? 
_exptl_crystal.density_method              ? 
_exptl_crystal.density_percent_sol         ? 
_exptl_crystal.description                 ? 
_exptl_crystal.F_000                       ? 
_exptl_crystal.id                          1 
_exptl_crystal.preparation                 ? 
_exptl_crystal.size_max                    ? 
_exptl_crystal.size_mid                    ? 
_exptl_crystal.size_min                    ? 
_exptl_crystal.size_rad                    ? 
_exptl_crystal.colour_lustre               ? 
_exptl_crystal.colour_modifier             ? 
_exptl_crystal.colour_primary              ? 
_exptl_crystal.density_meas                ? 
_exptl_crystal.density_meas_esd            ? 
_exptl_crystal.density_meas_gt             ? 
_exptl_crystal.density_meas_lt             ? 
_exptl_crystal.density_meas_temp           ? 
_exptl_crystal.density_meas_temp_esd       ? 
_exptl_crystal.density_meas_temp_gt        ? 
_exptl_crystal.density_meas_temp_lt        ? 
_exptl_crystal.pdbx_crystal_image_url      ? 
_exptl_crystal.pdbx_crystal_image_format   ? 
_exptl_crystal.pdbx_mosaicity              ? 
_exptl_crystal.pdbx_mosaicity_esd          ? 
# 
_exptl_crystal_grow.apparatus       ? 
_exptl_crystal_grow.atmosphere      ? 
_exptl_crystal_grow.crystal_id      1 
_exptl_crystal_grow.details         ? 
_exptl_crystal_grow.method          BATCH 
_exptl_crystal_grow.method_ref      ? 
_exptl_crystal_grow.pH              7.0 
_exptl_crystal_grow.pressure        ? 
_exptl_crystal_grow.pressure_esd    ? 
_exptl_crystal_grow.seeding         ? 
_exptl_crystal_grow.seeding_ref     ? 
_exptl_crystal_grow.temp            273 
_exptl_crystal_grow.temp_details    ? 
_exptl_crystal_grow.temp_esd        ? 
_exptl_crystal_grow.time            ? 
_exptl_crystal_grow.pdbx_details    water 
_exptl_crystal_grow.pdbx_pH_range   ? 
# 
_diffrn.ambient_environment              ? 
_diffrn.ambient_temp                     100 
_diffrn.ambient_temp_details             ? 
_diffrn.ambient_temp_esd                 ? 
_diffrn.crystal_id                       1 
_diffrn.crystal_support                  ? 
_diffrn.crystal_treatment                ? 
_diffrn.details                          ? 
_diffrn.id                               1 
_diffrn.ambient_pressure                 ? 
_diffrn.ambient_pressure_esd             ? 
_diffrn.ambient_pressure_gt              ? 
_diffrn.ambient_pressure_lt              ? 
_diffrn.ambient_temp_gt                  ? 
_diffrn.ambient_temp_lt                  ? 
_diffrn.pdbx_serial_crystal_experiment   ? 
# 
_diffrn_detector.details                      ? 
_diffrn_detector.detector                     CMOS 
_diffrn_detector.diffrn_id                    1 
_diffrn_detector.type                         'TVIPS F416 CMOS CAMERA' 
_diffrn_detector.area_resol_mean              ? 
_diffrn_detector.dtime                        ? 
_diffrn_detector.pdbx_frames_total            ? 
_diffrn_detector.pdbx_collection_time_total   ? 
_diffrn_detector.pdbx_collection_date         2016-02-03 
# 
_diffrn_radiation_wavelength.id           1 
_diffrn_radiation_wavelength.wavelength   0.0251 
_diffrn_radiation_wavelength.wt           1.0 
# 
_diffrn_source.current                     ? 
_diffrn_source.details                     ? 
_diffrn_source.diffrn_id                   1 
_diffrn_source.power                       ? 
_diffrn_source.size                        ? 
_diffrn_source.source                      'ELECTRON MICROSCOPE' 
_diffrn_source.target                      ? 
_diffrn_source.type                        'TECNAI F20 TEM' 
_diffrn_source.voltage                     ? 
_diffrn_source.take-off_angle              ? 
_diffrn_source.pdbx_wavelength_list        0.0251 
_diffrn_source.pdbx_wavelength             ? 
_diffrn_source.pdbx_synchrotron_beamline   ? 
_diffrn_source.pdbx_synchrotron_site       ? 
# 
_reflns.B_iso_Wilson_estimate            8.654 
_reflns.entry_id                         5K2H 
_reflns.data_reduction_details           ? 
_reflns.data_reduction_method            ? 
_reflns.d_resolution_high                1.050 
_reflns.d_resolution_low                 20.11 
_reflns.details                          ? 
_reflns.limit_h_max                      ? 
_reflns.limit_h_min                      ? 
_reflns.limit_k_max                      ? 
_reflns.limit_k_min                      ? 
_reflns.limit_l_max                      ? 
_reflns.limit_l_min                      ? 
_reflns.number_all                       ? 
_reflns.number_obs                       1836 
_reflns.observed_criterion               ? 
_reflns.observed_criterion_F_max         ? 
_reflns.observed_criterion_F_min         ? 
_reflns.observed_criterion_I_max         ? 
_reflns.observed_criterion_I_min         ? 
_reflns.observed_criterion_sigma_F       ? 
_reflns.observed_criterion_sigma_I       -3.000 
_reflns.percent_possible_obs             72.700 
_reflns.R_free_details                   ? 
_reflns.Rmerge_F_all                     ? 
_reflns.Rmerge_F_obs                     ? 
_reflns.Friedel_coverage                 ? 
_reflns.number_gt                        ? 
_reflns.threshold_expression             ? 
_reflns.pdbx_redundancy                  ? 
_reflns.pdbx_Rmerge_I_obs                0.189 
_reflns.pdbx_Rmerge_I_all                ? 
_reflns.pdbx_Rsym_value                  ? 
_reflns.pdbx_netI_over_av_sigmaI         ? 
_reflns.pdbx_netI_over_sigmaI            4.180 
_reflns.pdbx_res_netI_over_av_sigmaI_2   ? 
_reflns.pdbx_res_netI_over_sigmaI_2      ? 
_reflns.pdbx_chi_squared                 0.869 
_reflns.pdbx_scaling_rejects             ? 
_reflns.pdbx_d_res_high_opt              ? 
_reflns.pdbx_d_res_low_opt               ? 
_reflns.pdbx_d_res_opt_method            ? 
_reflns.phase_calculation_details        ? 
_reflns.pdbx_Rrim_I_all                  0.218 
_reflns.pdbx_Rpim_I_all                  ? 
_reflns.pdbx_d_opt                       ? 
_reflns.pdbx_number_measured_all         6795 
_reflns.pdbx_diffrn_id                   1 
_reflns.pdbx_ordinal                     1 
_reflns.pdbx_CC_half                     0.992 
_reflns.pdbx_R_split                     ? 
# 
loop_
_reflns_shell.d_res_high 
_reflns_shell.d_res_low 
_reflns_shell.meanI_over_sigI_all 
_reflns_shell.meanI_over_sigI_obs 
_reflns_shell.number_measured_all 
_reflns_shell.number_measured_obs 
_reflns_shell.number_possible 
_reflns_shell.number_unique_all 
_reflns_shell.number_unique_obs 
_reflns_shell.percent_possible_all 
_reflns_shell.percent_possible_obs 
_reflns_shell.Rmerge_F_all 
_reflns_shell.Rmerge_F_obs 
_reflns_shell.Rmerge_I_all 
_reflns_shell.Rmerge_I_obs 
_reflns_shell.meanI_over_sigI_gt 
_reflns_shell.meanI_over_uI_all 
_reflns_shell.meanI_over_uI_gt 
_reflns_shell.number_measured_gt 
_reflns_shell.number_unique_gt 
_reflns_shell.percent_possible_gt 
_reflns_shell.Rmerge_F_gt 
_reflns_shell.Rmerge_I_gt 
_reflns_shell.pdbx_redundancy 
_reflns_shell.pdbx_Rsym_value 
_reflns_shell.pdbx_chi_squared 
_reflns_shell.pdbx_netI_over_sigmaI_all 
_reflns_shell.pdbx_netI_over_sigmaI_obs 
_reflns_shell.pdbx_Rrim_I_all 
_reflns_shell.pdbx_Rpim_I_all 
_reflns_shell.pdbx_rejects 
_reflns_shell.pdbx_ordinal 
_reflns_shell.pdbx_diffrn_id 
_reflns_shell.pdbx_CC_half 
_reflns_shell.pdbx_R_split 
1.050 1.190 ? 2.260 ? 2204 762 ? 572 75.100 ? ? ? ? 0.438 ? ? ? ? ? ? ? ? ? ? ? ? ? 0.497 ? 0 1 1 0.813 ? 
1.190 1.360 ? 3.050 ? 1437 541 ? 396 73.200 ? ? ? ? 0.336 ? ? ? ? ? ? ? ? ? ? ? ? ? 0.383 ? 0 2 1 0.875 ? 
1.360 1.710 ? 4.520 ? 1674 590 ? 441 74.700 ? ? ? ? 0.252 ? ? ? ? ? ? ? ? ? ? ? ? ? 0.288 ? 0 3 1 0.899 ? 
1.710 ?     ? 7.470 ? 1480 633 ? 427 67.500 ? ? ? ? 0.116 ? ? ? ? ? ? ? ? ? ? ? ? ? 0.137 ? 0 4 1 0.993 ? 
# 
_refine.aniso_B[1][1]                            0.4000 
_refine.aniso_B[1][2]                            0.0000 
_refine.aniso_B[1][3]                            -0.0000 
_refine.aniso_B[2][2]                            -0.4200 
_refine.aniso_B[2][3]                            0.0000 
_refine.aniso_B[3][3]                            0.0200 
_refine.B_iso_max                                18.760 
_refine.B_iso_mean                               4.7050 
_refine.B_iso_min                                2.080 
_refine.correlation_coeff_Fo_to_Fc               0.9660 
_refine.correlation_coeff_Fo_to_Fc_free          0.9790 
_refine.details                                  'HYDROGENS HAVE BEEN USED IF PRESENT IN THE INPUT' 
_refine.diff_density_max                         ? 
_refine.diff_density_max_esd                     ? 
_refine.diff_density_min                         ? 
_refine.diff_density_min_esd                     ? 
_refine.diff_density_rms                         ? 
_refine.diff_density_rms_esd                     ? 
_refine.entry_id                                 5K2H 
_refine.pdbx_refine_id                           'ELECTRON CRYSTALLOGRAPHY' 
_refine.ls_abs_structure_details                 ? 
_refine.ls_abs_structure_Flack                   ? 
_refine.ls_abs_structure_Flack_esd               ? 
_refine.ls_abs_structure_Rogers                  ? 
_refine.ls_abs_structure_Rogers_esd              ? 
_refine.ls_d_res_high                            1.0500 
_refine.ls_d_res_low                             20.1100 
_refine.ls_extinction_coef                       ? 
_refine.ls_extinction_coef_esd                   ? 
_refine.ls_extinction_expression                 ? 
_refine.ls_extinction_method                     ? 
_refine.ls_goodness_of_fit_all                   ? 
_refine.ls_goodness_of_fit_all_esd               ? 
_refine.ls_goodness_of_fit_obs                   ? 
_refine.ls_goodness_of_fit_obs_esd               ? 
_refine.ls_hydrogen_treatment                    ? 
_refine.ls_matrix_type                           ? 
_refine.ls_number_constraints                    ? 
_refine.ls_number_parameters                     ? 
_refine.ls_number_reflns_all                     ? 
_refine.ls_number_reflns_obs                     1653 
_refine.ls_number_reflns_R_free                  184 
_refine.ls_number_reflns_R_work                  ? 
_refine.ls_number_restraints                     ? 
_refine.ls_percent_reflns_obs                    72.7500 
_refine.ls_percent_reflns_R_free                 10.0000 
_refine.ls_R_factor_all                          ? 
_refine.ls_R_factor_obs                          0.1781 
_refine.ls_R_factor_R_free                       0.1856 
_refine.ls_R_factor_R_free_error                 ? 
_refine.ls_R_factor_R_free_error_details         ? 
_refine.ls_R_factor_R_work                       0.1772 
_refine.ls_R_Fsqd_factor_obs                     ? 
_refine.ls_R_I_factor_obs                        ? 
_refine.ls_redundancy_reflns_all                 ? 
_refine.ls_redundancy_reflns_obs                 ? 
_refine.ls_restrained_S_all                      ? 
_refine.ls_restrained_S_obs                      ? 
_refine.ls_shift_over_esd_max                    ? 
_refine.ls_shift_over_esd_mean                   ? 
_refine.ls_structure_factor_coef                 ? 
_refine.ls_weighting_details                     ? 
_refine.ls_weighting_scheme                      ? 
_refine.ls_wR_factor_all                         ? 
_refine.ls_wR_factor_obs                         ? 
_refine.ls_wR_factor_R_free                      ? 
_refine.ls_wR_factor_R_work                      ? 
_refine.occupancy_max                            ? 
_refine.occupancy_min                            ? 
_refine.solvent_model_details                    ? 
_refine.solvent_model_param_bsol                 ? 
_refine.solvent_model_param_ksol                 ? 
_refine.ls_R_factor_gt                           ? 
_refine.ls_goodness_of_fit_gt                    ? 
_refine.ls_goodness_of_fit_ref                   ? 
_refine.ls_shift_over_su_max                     ? 
_refine.ls_shift_over_su_max_lt                  ? 
_refine.ls_shift_over_su_mean                    ? 
_refine.ls_shift_over_su_mean_lt                 ? 
_refine.pdbx_ls_sigma_I                          ? 
_refine.pdbx_ls_sigma_F                          0.000 
_refine.pdbx_ls_sigma_Fsqd                       ? 
_refine.pdbx_data_cutoff_high_absF               ? 
_refine.pdbx_data_cutoff_high_rms_absF           ? 
_refine.pdbx_data_cutoff_low_absF                ? 
_refine.pdbx_isotropic_thermal_model             ? 
_refine.pdbx_ls_cross_valid_method               THROUGHOUT 
_refine.pdbx_method_to_determine_struct          ? 
_refine.pdbx_starting_model                      ? 
_refine.pdbx_stereochemistry_target_values       ? 
_refine.pdbx_R_Free_selection_details            RANDOM 
_refine.pdbx_stereochem_target_val_spec_case     ? 
_refine.pdbx_overall_ESU_R                       0.0460 
_refine.pdbx_overall_ESU_R_Free                  0.0440 
_refine.pdbx_solvent_vdw_probe_radii             1.2000 
_refine.pdbx_solvent_ion_probe_radii             0.8000 
_refine.pdbx_solvent_shrinkage_radii             0.8000 
_refine.pdbx_real_space_R                        ? 
_refine.pdbx_density_correlation                 ? 
_refine.pdbx_pd_number_of_powder_patterns        ? 
_refine.pdbx_pd_number_of_points                 ? 
_refine.pdbx_pd_meas_number_of_points            ? 
_refine.pdbx_pd_proc_ls_prof_R_factor            ? 
_refine.pdbx_pd_proc_ls_prof_wR_factor           ? 
_refine.pdbx_pd_Marquardt_correlation_coeff      ? 
_refine.pdbx_pd_Fsqrd_R_factor                   ? 
_refine.pdbx_pd_ls_matrix_band_width             ? 
_refine.pdbx_overall_phase_error                 ? 
_refine.pdbx_overall_SU_R_free_Cruickshank_DPI   ? 
_refine.pdbx_overall_SU_R_free_Blow_DPI          ? 
_refine.pdbx_overall_SU_R_Blow_DPI               ? 
_refine.pdbx_TLS_residual_ADP_flag               ? 
_refine.pdbx_diffrn_id                           1 
_refine.overall_SU_B                             0.6130 
_refine.overall_SU_ML                            0.0300 
_refine.overall_SU_R_Cruickshank_DPI             0.0463 
_refine.overall_SU_R_free                        ? 
_refine.overall_FOM_free_R_set                   ? 
_refine.overall_FOM_work_R_set                   ? 
_refine.pdbx_average_fsc_overall                 ? 
_refine.pdbx_average_fsc_work                    ? 
_refine.pdbx_average_fsc_free                    ? 
# 
_refine_hist.cycle_id                         final 
_refine_hist.pdbx_refine_id                   'X-RAY DIFFRACTION' 
_refine_hist.d_res_high                       1.0500 
_refine_hist.d_res_low                        20.1100 
_refine_hist.pdbx_number_atoms_ligand         0 
_refine_hist.number_atoms_solvent             6 
_refine_hist.number_atoms_total               65 
_refine_hist.pdbx_number_residues_total       7 
_refine_hist.pdbx_B_iso_mean_solvent          14.47 
_refine_hist.pdbx_number_atoms_protein        59 
_refine_hist.pdbx_number_atoms_nucleic_acid   0 
# 
loop_
_refine_ls_restr.pdbx_refine_id 
_refine_ls_restr.criterion 
_refine_ls_restr.dev_ideal 
_refine_ls_restr.dev_ideal_target 
_refine_ls_restr.number 
_refine_ls_restr.rejects 
_refine_ls_restr.type 
_refine_ls_restr.weight 
_refine_ls_restr.pdbx_restraint_function 
'ELECTRON CRYSTALLOGRAPHY' ? 0.017  0.020  59  ? r_bond_refined_d       ? ? 
'ELECTRON CRYSTALLOGRAPHY' ? 0.001  0.020  48  ? r_bond_other_d         ? ? 
'ELECTRON CRYSTALLOGRAPHY' ? 1.592  1.857  79  ? r_angle_refined_deg    ? ? 
'ELECTRON CRYSTALLOGRAPHY' ? 0.747  3.000  105 ? r_angle_other_deg      ? ? 
'ELECTRON CRYSTALLOGRAPHY' ? 5.988  5.000  6   ? r_dihedral_angle_1_deg ? ? 
'ELECTRON CRYSTALLOGRAPHY' ? 56.662 28.333 6   ? r_dihedral_angle_2_deg ? ? 
'ELECTRON CRYSTALLOGRAPHY' ? 8.289  15.000 8   ? r_dihedral_angle_3_deg ? ? 
'ELECTRON CRYSTALLOGRAPHY' ? 0.113  0.200  6   ? r_chiral_restr         ? ? 
'ELECTRON CRYSTALLOGRAPHY' ? 0.010  0.020  84  ? r_gen_planes_refined   ? ? 
'ELECTRON CRYSTALLOGRAPHY' ? 0.001  0.020  20  ? r_gen_planes_other     ? ? 
'ELECTRON CRYSTALLOGRAPHY' ? 0.710  0.343  27  ? r_mcbond_it            ? ? 
'ELECTRON CRYSTALLOGRAPHY' ? 0.581  0.325  26  ? r_mcbond_other         ? ? 
'ELECTRON CRYSTALLOGRAPHY' ? 1.117  0.494  32  ? r_mcangle_it           ? ? 
# 
_refine_ls_shell.pdbx_refine_id                   'ELECTRON CRYSTALLOGRAPHY' 
_refine_ls_shell.d_res_high                       1.0500 
_refine_ls_shell.d_res_low                        1.0770 
_refine_ls_shell.number_reflns_all                125 
_refine_ls_shell.number_reflns_obs                ? 
_refine_ls_shell.number_reflns_R_free             12 
_refine_ls_shell.number_reflns_R_work             113 
_refine_ls_shell.percent_reflns_obs               74.4000 
_refine_ls_shell.percent_reflns_R_free            ? 
_refine_ls_shell.R_factor_all                     ? 
_refine_ls_shell.R_factor_obs                     ? 
_refine_ls_shell.R_factor_R_free                  0.2590 
_refine_ls_shell.R_factor_R_free_error            ? 
_refine_ls_shell.R_factor_R_work                  0.3020 
_refine_ls_shell.redundancy_reflns_all            ? 
_refine_ls_shell.redundancy_reflns_obs            ? 
_refine_ls_shell.wR_factor_all                    ? 
_refine_ls_shell.wR_factor_obs                    ? 
_refine_ls_shell.wR_factor_R_free                 ? 
_refine_ls_shell.wR_factor_R_work                 ? 
_refine_ls_shell.pdbx_total_number_of_bins_used   20 
_refine_ls_shell.pdbx_phase_error                 ? 
_refine_ls_shell.pdbx_fsc_work                    ? 
_refine_ls_shell.pdbx_fsc_free                    ? 
# 
_struct.entry_id                     5K2H 
_struct.title                        'Structure of GNNQQNY from yeast prion Sup35 in space group P212121 determined by MicroED' 
_struct.pdbx_model_details           ? 
_struct.pdbx_formula_weight          ? 
_struct.pdbx_formula_weight_method   ? 
_struct.pdbx_model_type_details      ? 
_struct.pdbx_CASP_flag               N 
# 
_struct_keywords.entry_id        5K2H 
_struct_keywords.text            'amyloid, yeast prion, PROTEIN FIBRIL' 
_struct_keywords.pdbx_keywords   'PROTEIN FIBRIL' 
# 
loop_
_struct_asym.id 
_struct_asym.pdbx_blank_PDB_chainid_flag 
_struct_asym.pdbx_modified 
_struct_asym.entity_id 
_struct_asym.details 
A N N 1 ? 
B N N 2 ? 
# 
_struct_ref.id                         1 
_struct_ref.db_name                    UNP 
_struct_ref.db_code                    ERF3_YEAST 
_struct_ref.pdbx_db_accession          P05453 
_struct_ref.pdbx_db_isoform            ? 
_struct_ref.entity_id                  1 
_struct_ref.pdbx_seq_one_letter_code   GNNQQNY 
_struct_ref.pdbx_align_begin           7 
# 
_struct_ref_seq.align_id                      1 
_struct_ref_seq.ref_id                        1 
_struct_ref_seq.pdbx_PDB_id_code              5K2H 
_struct_ref_seq.pdbx_strand_id                A 
_struct_ref_seq.seq_align_beg                 1 
_struct_ref_seq.pdbx_seq_align_beg_ins_code   ? 
_struct_ref_seq.seq_align_end                 7 
_struct_ref_seq.pdbx_seq_align_end_ins_code   ? 
_struct_ref_seq.pdbx_db_accession             P05453 
_struct_ref_seq.db_align_beg                  7 
_struct_ref_seq.pdbx_db_align_beg_ins_code    ? 
_struct_ref_seq.db_align_end                  13 
_struct_ref_seq.pdbx_db_align_end_ins_code    ? 
_struct_ref_seq.pdbx_auth_seq_align_beg       1 
_struct_ref_seq.pdbx_auth_seq_align_end       7 
# 
_pdbx_struct_assembly.id                   1 
_pdbx_struct_assembly.details              author_defined_assembly 
_pdbx_struct_assembly.method_details       ? 
_pdbx_struct_assembly.oligomeric_details   octadecameric 
_pdbx_struct_assembly.oligomeric_count     18 
# 
loop_
_pdbx_struct_assembly_gen.assembly_id 
_pdbx_struct_assembly_gen.oper_expression 
_pdbx_struct_assembly_gen.asym_id_list 
1 1  A,B 
1 2  A,B 
1 3  A,B 
1 4  A,B 
1 5  A,B 
1 6  A,B 
1 7  A,B 
1 8  A,B 
1 9  A,B 
1 10 A,B 
1 11 A,B 
1 12 A,B 
1 13 A,B 
1 14 A,B 
1 15 A,B 
1 16 A,B 
1 17 A,B 
1 18 A,B 
# 
loop_
_pdbx_struct_oper_list.id 
_pdbx_struct_oper_list.type 
_pdbx_struct_oper_list.name 
_pdbx_struct_oper_list.symmetry_operation 
_pdbx_struct_oper_list.matrix[1][1] 
_pdbx_struct_oper_list.matrix[1][2] 
_pdbx_struct_oper_list.matrix[1][3] 
_pdbx_struct_oper_list.vector[1] 
_pdbx_struct_oper_list.matrix[2][1] 
_pdbx_struct_oper_list.matrix[2][2] 
_pdbx_struct_oper_list.matrix[2][3] 
_pdbx_struct_oper_list.vector[2] 
_pdbx_struct_oper_list.matrix[3][1] 
_pdbx_struct_oper_list.matrix[3][2] 
_pdbx_struct_oper_list.matrix[3][3] 
_pdbx_struct_oper_list.vector[3] 
1  'identity operation'         1_555 x,y,z             1.0000000000  0.0000000000 0.0000000000 0.0000000000   0.0000000000 1.0000000000 0.0000000000 0.0000000000   0.0000000000 0.0000000000 1.0000000000  0.0000000000  
2  'crystal symmetry operation' 1_515 x,y-4,z           1.0000000000  0.0000000000 0.0000000000 9.1517601707   0.0000000000 1.0000000000 0.0000000000 17.4563139034  0.0000000000 0.0000000000 1.0000000000  0.6330803147  
3  'crystal symmetry operation' 1_525 x,y-3,z           1.0000000000  0.0000000000 0.0000000000 6.8638201280   0.0000000000 1.0000000000 0.0000000000 13.0922354275  0.0000000000 0.0000000000 1.0000000000  0.4748102360  
4  'crystal symmetry operation' 1_535 x,y-2,z           1.0000000000  0.0000000000 0.0000000000 4.5758800853   0.0000000000 1.0000000000 0.0000000000 8.7281569517   0.0000000000 0.0000000000 1.0000000000  0.3165401573  
5  'crystal symmetry operation' 1_545 x,y-1,z           1.0000000000  0.0000000000 0.0000000000 2.2879400427   0.0000000000 1.0000000000 0.0000000000 4.3640784758   0.0000000000 0.0000000000 1.0000000000  0.1582700787  
6  'crystal symmetry operation' 1_565 x,y+1,z           1.0000000000  0.0000000000 0.0000000000 -2.2879400427  0.0000000000 1.0000000000 0.0000000000 -4.3640784758  0.0000000000 0.0000000000 1.0000000000  -0.1582700787 
7  'crystal symmetry operation' 1_575 x,y+2,z           1.0000000000  0.0000000000 0.0000000000 -4.5758800853  0.0000000000 1.0000000000 0.0000000000 -8.7281569517  0.0000000000 0.0000000000 1.0000000000  -0.3165401573 
8  'crystal symmetry operation' 1_585 x,y+3,z           1.0000000000  0.0000000000 0.0000000000 -6.8638201280  0.0000000000 1.0000000000 0.0000000000 -13.0922354275 0.0000000000 0.0000000000 1.0000000000  -0.4748102360 
9  'crystal symmetry operation' 1_595 x,y+4,z           1.0000000000  0.0000000000 0.0000000000 -9.1517601707  0.0000000000 1.0000000000 0.0000000000 -17.4563139034 0.0000000000 0.0000000000 1.0000000000  -0.6330803147 
10 'crystal symmetry operation' 3_615 -x+1,y-7/2,-z+1/2 -0.5692498518 0.8216244374 0.0297974853 6.7278713143   0.8216244374 0.5671885869 0.0568365263 15.6126303357  0.0297974853 0.0568365263 -0.9979387352 9.7266636344  
11 'crystal symmetry operation' 3_625 -x+1,y-5/2,-z+1/2 -0.5692498518 0.8216244374 0.0297974853 4.4399312717   0.8216244374 0.5671885869 0.0568365263 11.2485518598  0.0297974853 0.0568365263 -0.9979387352 9.5683935557  
12 'crystal symmetry operation' 3_635 -x+1,y-3/2,-z+1/2 -0.5692498518 0.8216244374 0.0297974853 2.1519912290   0.8216244374 0.5671885869 0.0568365263 6.8844733840   0.0297974853 0.0568365263 -0.9979387352 9.4101234770  
13 'crystal symmetry operation' 3_645 -x+1,y-1/2,-z+1/2 -0.5692498518 0.8216244374 0.0297974853 -0.1359488137  0.8216244374 0.5671885869 0.0568365263 2.5203949082   0.0297974853 0.0568365263 -0.9979387352 9.2518533984  
14 'crystal symmetry operation' 3_655 -x+1,y+1/2,-z+1/2 -0.5692498518 0.8216244374 0.0297974853 -2.4238888563  0.8216244374 0.5671885869 0.0568365263 -1.8436835677  0.0297974853 0.0568365263 -0.9979387352 9.0935833197  
15 'crystal symmetry operation' 3_665 -x+1,y+3/2,-z+1/2 -0.5692498518 0.8216244374 0.0297974853 -4.7118288990  0.8216244374 0.5671885869 0.0568365263 -6.2077620435  0.0297974853 0.0568365263 -0.9979387352 8.9353132410  
16 'crystal symmetry operation' 3_675 -x+1,y+5/2,-z+1/2 -0.5692498518 0.8216244374 0.0297974853 -6.9997689417  0.8216244374 0.5671885869 0.0568365263 -10.5718405194 0.0297974853 0.0568365263 -0.9979387352 8.7770431623  
17 'crystal symmetry operation' 3_685 -x+1,y+7/2,-z+1/2 -0.5692498518 0.8216244374 0.0297974853 -9.2877089843  0.8216244374 0.5671885869 0.0568365263 -14.9359189952 0.0297974853 0.0568365263 -0.9979387352 8.6187730837  
18 'crystal symmetry operation' 3_695 -x+1,y+9/2,-z+1/2 -0.5692498518 0.8216244374 0.0297974853 -11.5756490270 0.8216244374 0.5671885869 0.0568365263 -19.2999974711 0.0297974853 0.0568365263 -0.9979387352 8.4605030050 
# 
_struct_biol.id        1 
_struct_biol.details   
;The biological unit is an extended pair of beta sheets comprising peptides at positions X,Y,Z and 1-X,1/2+Y,1/2-Z extended ad infinitum along the b crystal axis.
;
# 
_em_3d_fitting.entry_id          5K2H 
_em_3d_fitting.id                1 
_em_3d_fitting.details           ? 
_em_3d_fitting.overall_b_value   4.7 
_em_3d_fitting.ref_protocol      OTHER 
_em_3d_fitting.ref_space         RECIPROCAL 
_em_3d_fitting.target_criteria   'maximum likelihood' 
_em_3d_fitting.method            ? 
# 
_em_3d_reconstruction.entry_id                    5K2H 
_em_3d_reconstruction.id                          1 
_em_3d_reconstruction.algorithm                   ? 
_em_3d_reconstruction.details                     
;The density map was obtained using measured diffraction intensities and phases acquired from crystallographic direct methods program SHELXD.
;
_em_3d_reconstruction.image_processing_id         1 
_em_3d_reconstruction.num_class_averages          ? 
_em_3d_reconstruction.num_particles               ? 
_em_3d_reconstruction.resolution                  ? 
_em_3d_reconstruction.resolution_method           'DIFFRACTION PATTERN/LAYERLINES' 
_em_3d_reconstruction.symmetry_type               '3D CRYSTAL' 
_em_3d_reconstruction.method                      ? 
_em_3d_reconstruction.nominal_pixel_size          ? 
_em_3d_reconstruction.actual_pixel_size           ? 
_em_3d_reconstruction.magnification_calibration   ? 
_em_3d_reconstruction.citation_id                 ? 
_em_3d_reconstruction.euler_angles_details        ? 
# 
_em_buffer.id            1 
_em_buffer.details       water 
_em_buffer.pH            7 
_em_buffer.specimen_id   1 
_em_buffer.name          ? 
# 
_em_entity_assembly.id                   1 
_em_entity_assembly.parent_id            0 
_em_entity_assembly.details              ? 
_em_entity_assembly.name                 'Prion fibril composed of a 7-residue segment of Sup35' 
_em_entity_assembly.source               'MULTIPLE SOURCES' 
_em_entity_assembly.type                 COMPLEX 
_em_entity_assembly.entity_id_list       1 
_em_entity_assembly.synonym              ? 
_em_entity_assembly.oligomeric_details   ? 
# 
_em_image_scans.entry_id                5K2H 
_em_image_scans.id                      1 
_em_image_scans.dimension_height        4096 
_em_image_scans.dimension_width         4096 
_em_image_scans.frames_per_image        ? 
_em_image_scans.image_recording_id      1 
_em_image_scans.sampling_size           15.6 
_em_image_scans.scanner_model           ? 
_em_image_scans.used_frames_per_image   ? 
_em_image_scans.number_digital_images   ? 
_em_image_scans.details                 ? 
_em_image_scans.od_range                ? 
_em_image_scans.quant_bit_size          ? 
_em_image_scans.citation_id             ? 
# 
_em_imaging.id                              1 
_em_imaging.entry_id                        5K2H 
_em_imaging.accelerating_voltage            200 
_em_imaging.alignment_procedure             BASIC 
_em_imaging.c2_aperture_diameter            ? 
_em_imaging.calibrated_defocus_max          ? 
_em_imaging.calibrated_defocus_min          ? 
_em_imaging.calibrated_magnification        ? 
_em_imaging.cryogen                         NITROGEN 
_em_imaging.details                         ? 
_em_imaging.electron_source                 'FIELD EMISSION GUN' 
_em_imaging.illumination_mode               'FLOOD BEAM' 
_em_imaging.microscope_model                'FEI TECNAI F20' 
_em_imaging.mode                            DIFFRACTION 
_em_imaging.nominal_cs                      ? 
_em_imaging.nominal_defocus_max             ? 
_em_imaging.nominal_defocus_min             ? 
_em_imaging.nominal_magnification           ? 
_em_imaging.recording_temperature_maximum   100 
_em_imaging.recording_temperature_minimum   100 
_em_imaging.residual_tilt                   ? 
_em_imaging.specimen_holder_model           'GATAN 626 SINGLE TILT LIQUID NITROGEN CRYO TRANSFER HOLDER' 
_em_imaging.specimen_id                     1 
_em_imaging.date                            ? 
_em_imaging.temperature                     ? 
_em_imaging.tilt_angle_min                  ? 
_em_imaging.tilt_angle_max                  ? 
_em_imaging.specimen_holder_type            ? 
_em_imaging.astigmatism                     ? 
_em_imaging.electron_beam_tilt_params       ? 
_em_imaging.citation_id                     ? 
_em_imaging.detector_distance               ? 
# 
_em_sample_support.id               1 
_em_sample_support.specimen_id      1 
_em_sample_support.details          ? 
_em_sample_support.grid_material    COPPER 
_em_sample_support.grid_mesh_size   300 
_em_sample_support.grid_type        'Quantifoil R2/2' 
_em_sample_support.method           ? 
_em_sample_support.film_material    ? 
_em_sample_support.citation_id      ? 
# 
_em_vitrification.id                    1 
_em_vitrification.specimen_id           1 
_em_vitrification.chamber_temperature   ? 
_em_vitrification.cryogen_name          ETHANE 
_em_vitrification.details               'Plunged into liquid ethane (FEI VITROBOT MARK IV)' 
_em_vitrification.humidity              ? 
_em_vitrification.instrument            'FEI VITROBOT MARK IV' 
_em_vitrification.entry_id              5K2H 
_em_vitrification.temp                  ? 
_em_vitrification.method                ? 
_em_vitrification.time_resolved_state   ? 
_em_vitrification.citation_id           ? 
# 
_em_experiment.entry_id                5K2H 
_em_experiment.id                      1 
_em_experiment.aggregation_state       '3D ARRAY' 
_em_experiment.reconstruction_method   CRYSTALLOGRAPHY 
_em_experiment.entity_assembly_id      1 
# 
loop_
_chem_comp_atom.comp_id 
_chem_comp_atom.atom_id 
_chem_comp_atom.type_symbol 
_chem_comp_atom.pdbx_aromatic_flag 
_chem_comp_atom.pdbx_stereo_config 
_chem_comp_atom.pdbx_ordinal 
ASN N    N N N 1  
ASN CA   C N S 2  
ASN C    C N N 3  
ASN O    O N N 4  
ASN CB   C N N 5  
ASN CG   C N N 6  
ASN OD1  O N N 7  
ASN ND2  N N N 8  
ASN OXT  O N N 9  
ASN H    H N N 10 
ASN H2   H N N 11 
ASN HA   H N N 12 
ASN HB2  H N N 13 
ASN HB3  H N N 14 
ASN HD21 H N N 15 
ASN HD22 H N N 16 
ASN HXT  H N N 17 
GLN N    N N N 18 
GLN CA   C N S 19 
GLN C    C N N 20 
GLN O    O N N 21 
GLN CB   C N N 22 
GLN CG   C N N 23 
GLN CD   C N N 24 
GLN OE1  O N N 25 
GLN NE2  N N N 26 
GLN OXT  O N N 27 
GLN H    H N N 28 
GLN H2   H N N 29 
GLN HA   H N N 30 
GLN HB2  H N N 31 
GLN HB3  H N N 32 
GLN HG2  H N N 33 
GLN HG3  H N N 34 
GLN HE21 H N N 35 
GLN HE22 H N N 36 
GLN HXT  H N N 37 
GLY N    N N N 38 
GLY CA   C N N 39 
GLY C    C N N 40 
GLY O    O N N 41 
GLY OXT  O N N 42 
GLY H    H N N 43 
GLY H2   H N N 44 
GLY HA2  H N N 45 
GLY HA3  H N N 46 
GLY HXT  H N N 47 
HOH O    O N N 48 
HOH H1   H N N 49 
HOH H2   H N N 50 
TYR N    N N N 51 
TYR CA   C N S 52 
TYR C    C N N 53 
TYR O    O N N 54 
TYR CB   C N N 55 
TYR CG   C Y N 56 
TYR CD1  C Y N 57 
TYR CD2  C Y N 58 
TYR CE1  C Y N 59 
TYR CE2  C Y N 60 
TYR CZ   C Y N 61 
TYR OH   O N N 62 
TYR OXT  O N N 63 
TYR H    H N N 64 
TYR H2   H N N 65 
TYR HA   H N N 66 
TYR HB2  H N N 67 
TYR HB3  H N N 68 
TYR HD1  H N N 69 
TYR HD2  H N N 70 
TYR HE1  H N N 71 
TYR HE2  H N N 72 
TYR HH   H N N 73 
TYR HXT  H N N 74 
# 
loop_
_chem_comp_bond.comp_id 
_chem_comp_bond.atom_id_1 
_chem_comp_bond.atom_id_2 
_chem_comp_bond.value_order 
_chem_comp_bond.pdbx_aromatic_flag 
_chem_comp_bond.pdbx_stereo_config 
_chem_comp_bond.pdbx_ordinal 
ASN N   CA   sing N N 1  
ASN N   H    sing N N 2  
ASN N   H2   sing N N 3  
ASN CA  C    sing N N 4  
ASN CA  CB   sing N N 5  
ASN CA  HA   sing N N 6  
ASN C   O    doub N N 7  
ASN C   OXT  sing N N 8  
ASN CB  CG   sing N N 9  
ASN CB  HB2  sing N N 10 
ASN CB  HB3  sing N N 11 
ASN CG  OD1  doub N N 12 
ASN CG  ND2  sing N N 13 
ASN ND2 HD21 sing N N 14 
ASN ND2 HD22 sing N N 15 
ASN OXT HXT  sing N N 16 
GLN N   CA   sing N N 17 
GLN N   H    sing N N 18 
GLN N   H2   sing N N 19 
GLN CA  C    sing N N 20 
GLN CA  CB   sing N N 21 
GLN CA  HA   sing N N 22 
GLN C   O    doub N N 23 
GLN C   OXT  sing N N 24 
GLN CB  CG   sing N N 25 
GLN CB  HB2  sing N N 26 
GLN CB  HB3  sing N N 27 
GLN CG  CD   sing N N 28 
GLN CG  HG2  sing N N 29 
GLN CG  HG3  sing N N 30 
GLN CD  OE1  doub N N 31 
GLN CD  NE2  sing N N 32 
GLN NE2 HE21 sing N N 33 
GLN NE2 HE22 sing N N 34 
GLN OXT HXT  sing N N 35 
GLY N   CA   sing N N 36 
GLY N   H    sing N N 37 
GLY N   H2   sing N N 38 
GLY CA  C    sing N N 39 
GLY CA  HA2  sing N N 40 
GLY CA  HA3  sing N N 41 
GLY C   O    doub N N 42 
GLY C   OXT  sing N N 43 
GLY OXT HXT  sing N N 44 
HOH O   H1   sing N N 45 
HOH O   H2   sing N N 46 
TYR N   CA   sing N N 47 
TYR N   H    sing N N 48 
TYR N   H2   sing N N 49 
TYR CA  C    sing N N 50 
TYR CA  CB   sing N N 51 
TYR CA  HA   sing N N 52 
TYR C   O    doub N N 53 
TYR C   OXT  sing N N 54 
TYR CB  CG   sing N N 55 
TYR CB  HB2  sing N N 56 
TYR CB  HB3  sing N N 57 
TYR CG  CD1  doub Y N 58 
TYR CG  CD2  sing Y N 59 
TYR CD1 CE1  sing Y N 60 
TYR CD1 HD1  sing N N 61 
TYR CD2 CE2  doub Y N 62 
TYR CD2 HD2  sing N N 63 
TYR CE1 CZ   doub Y N 64 
TYR CE1 HE1  sing N N 65 
TYR CE2 CZ   sing Y N 66 
TYR CE2 HE2  sing N N 67 
TYR CZ  OH   sing N N 68 
TYR OH  HH   sing N N 69 
TYR OXT HXT  sing N N 70 
# 
_em_3d_crystal_entity.id                    1 
_em_3d_crystal_entity.image_processing_id   1 
_em_3d_crystal_entity.angle_alpha           90.00 
_em_3d_crystal_entity.angle_beta            90.00 
_em_3d_crystal_entity.angle_gamma           90.00 
_em_3d_crystal_entity.length_a              23.160 
_em_3d_crystal_entity.length_b              4.930 
_em_3d_crystal_entity.length_c              40.510 
_em_3d_crystal_entity.space_group_name      'P 21 21 21' 
_em_3d_crystal_entity.space_group_num       19 
# 
_em_crystal_formation.id                    1 
_em_crystal_formation.specimen_id           1 
_em_crystal_formation.atmosphere            'in air, in sealed chamber, in equilibrium with reservoir solution' 
_em_crystal_formation.details               
'Grown in batch at ~20 degrees C in a microcentrifuge tube.  Crystals grew within a day after seeding with NNQQNY-Zn crystals.' 
_em_crystal_formation.instrument            '24-well plate' 
_em_crystal_formation.lipid_mixture         none 
_em_crystal_formation.lipid_protein_ratio   ? 
_em_crystal_formation.temperature           298 
_em_crystal_formation.time                  1 
_em_crystal_formation.time_unit             DAY 
# 
_em_ctf_correction.id                       1 
_em_ctf_correction.em_image_processing_id   1 
_em_ctf_correction.type                     NONE 
_em_ctf_correction.details                  ? 
# 
_em_diffraction.id                1 
_em_diffraction.camera_length     1350 
_em_diffraction.imaging_id        1 
_em_diffraction.tilt_angle_list   ? 
# 
loop_
_em_diffraction_shell.id 
_em_diffraction_shell.em_diffraction_stats_id 
_em_diffraction_shell.fourier_space_coverage 
_em_diffraction_shell.high_resolution 
_em_diffraction_shell.low_resolution 
_em_diffraction_shell.multiplicity 
_em_diffraction_shell.num_structure_factors 
_em_diffraction_shell.phase_residual 
1 1 67.5 1.71 90   3.5 427  0.1 
2 1 74.7 1.36 1.71 3.8 441  0.1 
3 1 73.2 1.19 1.36 3.6 396  0.1 
4 1 75.1 1.05 1.19 3.9 572  0.1 
5 1 72.7 1.05 90   3.7 1836 0.1 
# 
_em_diffraction_stats.id                               1 
_em_diffraction_stats.details                          
;Phase statistics are not applicable. No imaging was used. The phases were obtained by a crystallographic direct methods program, SHELXD.
;
_em_diffraction_stats.image_processing_id              1 
_em_diffraction_stats.fourier_space_coverage           82.7 
_em_diffraction_stats.high_resolution                  1.00 
_em_diffraction_stats.num_intensities_measured         16753 
_em_diffraction_stats.num_structure_factors            2399 
_em_diffraction_stats.overall_phase_error              0.1 
_em_diffraction_stats.overall_phase_residual           0.1 
_em_diffraction_stats.phase_error_rejection_criteria   0 
_em_diffraction_stats.r_merge                          15.1 
_em_diffraction_stats.r_sym                            15.1 
# 
_em_entity_assembly_molwt.entity_assembly_id   1 
_em_entity_assembly_molwt.id                   1 
_em_entity_assembly_molwt.experimental_flag    NO 
_em_entity_assembly_molwt.units                KILODALTONS/NANOMETER 
_em_entity_assembly_molwt.value                3.25 
# 
_em_entity_assembly_naturalsource.id                   1 
_em_entity_assembly_naturalsource.entity_assembly_id   1 
_em_entity_assembly_naturalsource.cell                 ? 
_em_entity_assembly_naturalsource.cellular_location    ? 
_em_entity_assembly_naturalsource.ncbi_tax_id          4932 
_em_entity_assembly_naturalsource.organ                . 
_em_entity_assembly_naturalsource.organelle            ? 
_em_entity_assembly_naturalsource.organism             'Saccharomyces cerevisiae' 
_em_entity_assembly_naturalsource.strain               ? 
_em_entity_assembly_naturalsource.tissue               . 
# 
_em_image_processing.id                   1 
_em_image_processing.image_recording_id   1 
_em_image_processing.details              ? 
# 
_em_image_recording.id                            1 
_em_image_recording.imaging_id                    1 
_em_image_recording.avg_electron_dose_per_image   0.01 
_em_image_recording.average_exposure_time         2 
_em_image_recording.details                       'The detector was operated in rolling shutter mode with 2x2 pixel binning.' 
_em_image_recording.detector_mode                 ? 
_em_image_recording.film_or_detector_model        'TVIPS TEMCAM-F416 (4k x 4k)' 
_em_image_recording.num_diffraction_images        127 
_em_image_recording.num_grids_imaged              2 
_em_image_recording.num_real_images               ? 
# 
_em_imaging_optics.id                         1 
_em_imaging_optics.imaging_id                 1 
_em_imaging_optics.chr_aberration_corrector   ? 
_em_imaging_optics.energyfilter_lower         ? 
_em_imaging_optics.energyfilter_name          none 
_em_imaging_optics.energyfilter_upper         ? 
_em_imaging_optics.phase_plate                ? 
_em_imaging_optics.sph_aberration_corrector   ? 
# 
loop_
_em_software.id 
_em_software.category 
_em_software.details 
_em_software.name 
_em_software.version 
_em_software.image_processing_id 
_em_software.fitting_id 
_em_software.imaging_id 
1  'IMAGE ACQUISITION'       ?                EM-Menu   1              ? ? 1 
2  MASKING                   ?                ?         ?              ? ? ? 
3  'CTF CORRECTION'          ?                ?         ?              1 ? ? 
4  'LAYERLINE INDEXING'      ?                ?         ?              ? ? ? 
5  'DIFFRACTION INDEXING'    ?                XDS       'Oct 15, 2015' ? ? ? 
6  'MODEL FITTING'           ?                Coot      0.8.2          ? 1 ? 
7  OTHER                     phasing          SHELXD    2013/2         ? ? ? 
8  'MODEL REFINEMENT'        ?                refmac5   5.8.0135       ? 1 ? 
9  'MOLECULAR REPLACEMENT'   ?                ?         ?              1 ? ? 
10 'SYMMETRY DETERMINATION'  ?                ?         ?              1 ? ? 
11 'CRYSTALLOGRAPHY MERGING' ?                SCALEPACK 1.98.7         1 ? ? 
12 RECONSTRUCTION            'direct methods' SHELXD    2013/2         1 ? ? 
# 
_em_specimen.id                      1 
_em_specimen.experiment_id           1 
_em_specimen.concentration           10 
_em_specimen.details                 crystal 
_em_specimen.embedding_applied       NO 
_em_specimen.shadowing_applied       NO 
_em_specimen.staining_applied        NO 
_em_specimen.vitrification_applied   YES 
# 
loop_
_pdbx_audit_support.funding_organization 
_pdbx_audit_support.country 
_pdbx_audit_support.grant_number 
_pdbx_audit_support.ordinal 
'National Science Foundation (NSF, United States)'                    'United States' MCB-0445429       1 
'National Institutes of Health/National Institute on Aging (NIH/NIA)' 'United States' 1R01-AG029430     2 
;Alzheimer's Disease Reasearch Center
;
'United States' ?                 3 
'Howard Hughes Medical Institute (HHMI)'                              'United States' ?                 4 
'Department of Energy (DOE, United States)'                           'United States' DE-FC02-02ER63421 5 
'Giannini Foundation'                                                 'United States' ?                 6 
# 
_atom_sites.entry_id                    5K2H 
_atom_sites.fract_transf_matrix[1][1]   -0.03761357 
_atom_sites.fract_transf_matrix[1][2]   0.01997718 
_atom_sites.fract_transf_matrix[1][3]   -0.00710430 
_atom_sites.fract_transf_matrix[2][1]   -0.09413504 
_atom_sites.fract_transf_matrix[2][2]   -0.17955572 
_atom_sites.fract_transf_matrix[2][3]   -0.00651187 
_atom_sites.fract_transf_matrix[3][1]   -0.00396197 
_atom_sites.fract_transf_matrix[3][2]   0.00119456 
_atom_sites.fract_transf_matrix[3][3]   0.02433567 
_atom_sites.fract_transf_vector[1]      0.505133 
_atom_sites.fract_transf_vector[2]      0.948567 
_atom_sites.fract_transf_vector[3]      0.135648 
# 
loop_
_atom_type.symbol 
C 
H 
N 
O 
# 
loop_
_atom_site.group_PDB 
_atom_site.id 
_atom_site.type_symbol 
_atom_site.label_atom_id 
_atom_site.label_alt_id 
_atom_site.label_comp_id 
_atom_site.label_asym_id 
_atom_site.label_entity_id 
_atom_site.label_seq_id 
_atom_site.pdbx_PDB_ins_code 
_atom_site.Cartn_x 
_atom_site.Cartn_y 
_atom_site.Cartn_z 
_atom_site.occupancy 
_atom_site.B_iso_or_equiv 
_atom_site.pdbx_formal_charge 
_atom_site.auth_seq_id 
_atom_site.auth_comp_id 
_atom_site.auth_asym_id 
_atom_site.auth_atom_id 
_atom_site.pdbx_PDB_model_num 
ATOM   1   N N    . GLY A 1 1 ? 9.705   -2.713 0.839  1.00 6.62  ? 1   GLY A N    1 
ATOM   2   C CA   . GLY A 1 1 ? 9.080   -2.892 2.200  1.00 5.17  ? 1   GLY A CA   1 
ATOM   3   C C    . GLY A 1 1 ? 7.635   -3.344 2.081  1.00 4.86  ? 1   GLY A C    1 
ATOM   4   O O    . GLY A 1 1 ? 7.276   -4.024 1.108  1.00 5.43  ? 1   GLY A O    1 
ATOM   5   H H1   . GLY A 1 1 ? 9.514   -1.781 0.500  1.00 6.14  ? 1   GLY A H1   1 
ATOM   6   H H2   . GLY A 1 1 ? 10.655  -2.836 0.911  1.00 6.14  ? 1   GLY A H2   1 
ATOM   7   H H3   . GLY A 1 1 ? 9.350   -3.357 0.222  1.00 6.13  ? 1   GLY A H3   1 
ATOM   8   H HA2  . GLY A 1 1 ? 9.574   -3.559 2.702  1.00 5.41  ? 1   GLY A HA2  1 
ATOM   9   H HA3  . GLY A 1 1 ? 9.107   -2.053 2.687  1.00 5.40  ? 1   GLY A HA3  1 
ATOM   10  N N    . ASN A 1 2 ? 6.794   -2.984 3.057  1.00 3.26  ? 2   ASN A N    1 
ATOM   11  C CA   . ASN A 1 2 ? 5.376   -3.324 3.011  1.00 2.80  ? 2   ASN A CA   1 
ATOM   12  C C    . ASN A 1 2 ? 4.642   -2.317 2.095  1.00 2.87  ? 2   ASN A C    1 
ATOM   13  O O    . ASN A 1 2 ? 5.040   -1.141 2.037  1.00 3.53  ? 2   ASN A O    1 
ATOM   14  C CB   . ASN A 1 2 ? 4.791   -3.323 4.435  1.00 2.78  ? 2   ASN A CB   1 
ATOM   15  C CG   . ASN A 1 2 ? 5.501   -4.299 5.360  1.00 2.83  ? 2   ASN A CG   1 
ATOM   16  O OD1  . ASN A 1 2 ? 5.552   -5.515 5.091  1.00 4.02  ? 2   ASN A OD1  1 
ATOM   17  N ND2  . ASN A 1 2 ? 6.141   -3.754 6.401  1.00 3.47  ? 2   ASN A ND2  1 
ATOM   18  H H    . ASN A 1 2 ? 7.072   -2.451 3.869  1.00 3.46  ? 2   ASN A H    1 
ATOM   19  H HA   . ASN A 1 2 ? 5.253   -4.224 2.645  1.00 2.91  ? 2   ASN A HA   1 
ATOM   20  H HB2  . ASN A 1 2 ? 4.867   -2.428 4.805  1.00 2.80  ? 2   ASN A HB2  1 
ATOM   21  H HB3  . ASN A 1 2 ? 3.857   -3.583 4.390  1.00 2.80  ? 2   ASN A HB3  1 
ATOM   22  H HD21 . ASN A 1 2 ? 7.009   -4.112 6.680  1.00 3.26  ? 2   ASN A HD21 1 
ATOM   23  H HD22 . ASN A 1 2 ? 5.744   -3.000 6.885  1.00 3.26  ? 2   ASN A HD22 1 
ATOM   24  N N    . ASN A 1 3 ? 3.547   -2.757 1.472  1.00 2.86  ? 3   ASN A N    1 
ATOM   25  C CA   . ASN A 1 3 ? 2.737   -1.966 0.520  1.00 2.44  ? 3   ASN A CA   1 
ATOM   26  C C    . ASN A 1 3 ? 1.280   -1.847 0.982  1.00 2.08  ? 3   ASN A C    1 
ATOM   27  O O    . ASN A 1 3 ? 0.634   -2.898 1.183  1.00 2.12  ? 3   ASN A O    1 
ATOM   28  C CB   . ASN A 1 3 ? 2.791   -2.606 -0.904 1.00 2.85  ? 3   ASN A CB   1 
ATOM   29  C CG   . ASN A 1 3 ? 2.060   -1.768 -1.946 1.00 3.20  ? 3   ASN A CG   1 
ATOM   30  O OD1  . ASN A 1 3 ? 2.400   -0.600 -2.111 1.00 4.82  ? 3   ASN A OD1  1 
ATOM   31  N ND2  . ASN A 1 3 ? 1.038   -2.301 -2.614 1.00 3.56  ? 3   ASN A ND2  1 
ATOM   32  H H    . ASN A 1 3 ? 3.176   -3.688 1.610  1.00 2.76  ? 3   ASN A H    1 
ATOM   33  H HA   . ASN A 1 3 ? 3.105   -1.062 0.443  1.00 2.52  ? 3   ASN A HA   1 
ATOM   34  H HB2  . ASN A 1 3 ? 3.717   -2.684 -1.179 1.00 2.82  ? 3   ASN A HB2  1 
ATOM   35  H HB3  . ASN A 1 3 ? 2.381   -3.484 -0.871 1.00 2.82  ? 3   ASN A HB3  1 
ATOM   36  H HD21 . ASN A 1 3 ? 0.744   -1.906 -3.458 1.00 3.45  ? 3   ASN A HD21 1 
ATOM   37  H HD22 . ASN A 1 3 ? 0.579   -3.095 -2.263 1.00 3.44  ? 3   ASN A HD22 1 
ATOM   38  N N    . GLN A 1 4 ? 0.752   -0.604 1.067  1.00 2.19  ? 4   GLN A N    1 
ATOM   39  C CA   . GLN A 1 4 ? -0.689  -0.356 1.242  1.00 2.17  ? 4   GLN A CA   1 
ATOM   40  C C    . GLN A 1 4 ? -1.083  0.733  0.225  1.00 2.22  ? 4   GLN A C    1 
ATOM   41  O O    . GLN A 1 4 ? -0.494  1.826  0.244  1.00 2.70  ? 4   GLN A O    1 
ATOM   42  C CB   . GLN A 1 4 ? -1.062  0.113  2.669  1.00 2.13  ? 4   GLN A CB   1 
ATOM   43  C CG   . GLN A 1 4 ? -2.597  0.254  2.899  1.00 2.39  ? 4   GLN A CG   1 
ATOM   44  C CD   . GLN A 1 4 ? -2.989  1.037  4.164  1.00 2.32  ? 4   GLN A CD   1 
ATOM   45  O OE1  . GLN A 1 4 ? -2.624  2.208  4.305  1.00 2.41  ? 4   GLN A OE1  1 
ATOM   46  N NE2  . GLN A 1 4 ? -3.718  0.397  5.078  1.00 2.76  ? 4   GLN A NE2  1 
ATOM   47  H H    . GLN A 1 4 ? 1.300   0.244  1.024  1.00 2.16  ? 4   GLN A H    1 
ATOM   48  H HA   . GLN A 1 4 ? -1.202  -1.164 1.049  1.00 2.18  ? 4   GLN A HA   1 
ATOM   49  H HB2  . GLN A 1 4 ? -0.724  -0.531 3.309  1.00 2.20  ? 4   GLN A HB2  1 
ATOM   50  H HB3  . GLN A 1 4 ? -0.657  0.980  2.828  1.00 2.20  ? 4   GLN A HB3  1 
ATOM   51  H HG2  . GLN A 1 4 ? -2.999  0.716  2.148  1.00 2.31  ? 4   GLN A HG2  1 
ATOM   52  H HG3  . GLN A 1 4 ? -2.976  -0.637 2.966  1.00 2.32  ? 4   GLN A HG3  1 
ATOM   53  H HE21 . GLN A 1 4 ? -3.643  0.609  5.908  1.00 2.62  ? 4   GLN A HE21 1 
ATOM   54  H HE22 . GLN A 1 4 ? -4.265  -0.224 4.841  1.00 2.62  ? 4   GLN A HE22 1 
ATOM   55  N N    . GLN A 1 5 ? -2.039  0.420  -0.696 1.00 2.43  ? 5   GLN A N    1 
ATOM   56  C CA   . GLN A 1 5 ? -2.510  1.372  -1.722 1.00 2.65  ? 5   GLN A CA   1 
ATOM   57  C C    . GLN A 1 5 ? -4.044  1.482  -1.530 1.00 2.76  ? 5   GLN A C    1 
ATOM   58  O O    . GLN A 1 5 ? -4.708  0.453  -1.437 1.00 2.71  ? 5   GLN A O    1 
ATOM   59  C CB   . GLN A 1 5 ? -2.079  0.936  -3.131 1.00 3.33  ? 5   GLN A CB   1 
ATOM   60  C CG   . GLN A 1 5 ? -0.585  1.058  -3.392 1.00 3.99  ? 5   GLN A CG   1 
ATOM   61  C CD   . GLN A 1 5 ? -0.139  0.364  -4.655 1.00 3.97  ? 5   GLN A CD   1 
ATOM   62  O OE1  . GLN A 1 5 ? -0.488  -0.804 -4.877 1.00 6.00  ? 5   GLN A OE1  1 
ATOM   63  N NE2  . GLN A 1 5 ? 0.615   1.055  -5.518 1.00 3.69  ? 5   GLN A NE2  1 
ATOM   64  H H    . GLN A 1 5 ? -2.494  -0.478 -0.752 1.00 2.43  ? 5   GLN A H    1 
ATOM   65  H HA   . GLN A 1 5 ? -2.119  2.256  -1.567 1.00 2.74  ? 5   GLN A HA   1 
ATOM   66  H HB2  . GLN A 1 5 ? -2.332  0.007  -3.247 1.00 3.31  ? 5   GLN A HB2  1 
ATOM   67  H HB3  . GLN A 1 5 ? -2.540  1.484  -3.785 1.00 3.30  ? 5   GLN A HB3  1 
ATOM   68  H HG2  . GLN A 1 5 ? -0.357  1.999  -3.468 1.00 3.82  ? 5   GLN A HG2  1 
ATOM   69  H HG3  . GLN A 1 5 ? -0.105  0.663  -2.648 1.00 3.81  ? 5   GLN A HG3  1 
ATOM   70  H HE21 . GLN A 1 5 ? 1.361   0.729  -5.795 1.00 3.78  ? 5   GLN A HE21 1 
ATOM   71  H HE22 . GLN A 1 5 ? 0.355   1.829  -5.792 1.00 3.78  ? 5   GLN A HE22 1 
ATOM   72  N N    . ASN A 1 6 ? -4.537  2.719  -1.415 1.00 2.87  ? 6   ASN A N    1 
ATOM   73  C CA   . ASN A 1 6 ? -5.929  3.050  -1.082 1.00 3.08  ? 6   ASN A CA   1 
ATOM   74  C C    . ASN A 1 6 ? -6.525  3.938  -2.222 1.00 3.34  ? 6   ASN A C    1 
ATOM   75  O O    . ASN A 1 6 ? -6.123  5.114  -2.360 1.00 4.18  ? 6   ASN A O    1 
ATOM   76  C CB   . ASN A 1 6 ? -5.999  3.790  0.250  1.00 2.95  ? 6   ASN A CB   1 
ATOM   77  C CG   . ASN A 1 6 ? -5.323  3.043  1.376  1.00 2.82  ? 6   ASN A CG   1 
ATOM   78  O OD1  . ASN A 1 6 ? -5.836  2.020  1.849  1.00 3.13  ? 6   ASN A OD1  1 
ATOM   79  N ND2  . ASN A 1 6 ? -4.130  3.502  1.792  1.00 3.05  ? 6   ASN A ND2  1 
ATOM   80  H H    . ASN A 1 6 ? -3.980  3.549  -1.556 1.00 2.89  ? 6   ASN A H    1 
ATOM   81  H HA   . ASN A 1 6 ? -6.470  2.237  -1.005 1.00 3.06  ? 6   ASN A HA   1 
ATOM   82  H HB2  . ASN A 1 6 ? -5.573  4.656  0.160  1.00 2.96  ? 6   ASN A HB2  1 
ATOM   83  H HB3  . ASN A 1 6 ? -6.930  3.907  0.492  1.00 2.95  ? 6   ASN A HB3  1 
ATOM   84  H HD21 . ASN A 1 6 ? -3.790  3.252  2.674  1.00 2.98  ? 6   ASN A HD21 1 
ATOM   85  H HD22 . ASN A 1 6 ? -3.598  4.093  1.215  1.00 2.98  ? 6   ASN A HD22 1 
ATOM   86  N N    . TYR A 1 7 ? -7.463  3.405  -3.011 1.00 4.39  ? 7   TYR A N    1 
ATOM   87  C CA   . TYR A 1 7 ? -8.065  4.117  -4.170 1.00 4.96  ? 7   TYR A CA   1 
ATOM   88  C C    . TYR A 1 7 ? -9.413  4.759  -3.838 1.00 7.00  ? 7   TYR A C    1 
ATOM   89  O O    . TYR A 1 7 ? -10.114 4.363  -2.902 1.00 7.88  ? 7   TYR A O    1 
ATOM   90  C CB   . TYR A 1 7 ? -8.165  3.166  -5.371 1.00 5.64  ? 7   TYR A CB   1 
ATOM   91  C CG   . TYR A 1 7 ? -6.826  2.729  -5.849 1.00 6.36  ? 7   TYR A CG   1 
ATOM   92  C CD1  . TYR A 1 7 ? -6.174  1.587  -5.293 1.00 6.73  ? 7   TYR A CD1  1 
ATOM   93  C CD2  . TYR A 1 7 ? -6.099  3.497  -6.754 1.00 7.73  ? 7   TYR A CD2  1 
ATOM   94  C CE1  . TYR A 1 7 ? -4.880  1.229  -5.672 1.00 8.58  ? 7   TYR A CE1  1 
ATOM   95  C CE2  . TYR A 1 7 ? -4.802  3.136  -7.136 1.00 9.45  ? 7   TYR A CE2  1 
ATOM   96  C CZ   . TYR A 1 7 ? -4.178  2.021  -6.602 1.00 9.25  ? 7   TYR A CZ   1 
ATOM   97  O OH   . TYR A 1 7 ? -2.894  1.643  -6.989 1.00 14.20 ? 7   TYR A OH   1 
ATOM   98  O OXT  . TYR A 1 7 ? -9.816  5.695  -4.533 1.00 8.71  ? 7   TYR A OXT  1 
ATOM   99  H H    . TYR A 1 7 ? -7.836  2.475  -2.884 1.00 4.23  ? 7   TYR A H    1 
ATOM   100 H HA   . TYR A 1 7 ? -7.471  4.842  -4.448 1.00 5.29  ? 7   TYR A HA   1 
ATOM   101 H HB2  . TYR A 1 7 ? -8.668  2.379  -5.115 1.00 5.62  ? 7   TYR A HB2  1 
ATOM   102 H HB3  . TYR A 1 7 ? -8.611  3.623  -6.101 1.00 5.64  ? 7   TYR A HB3  1 
ATOM   103 H HD1  . TYR A 1 7 ? -6.620  1.070  -4.661 1.00 7.05  ? 7   TYR A HD1  1 
ATOM   104 H HD2  . TYR A 1 7 ? -6.482  4.265  -7.112 1.00 7.74  ? 7   TYR A HD2  1 
ATOM   105 H HE1  . TYR A 1 7 ? -4.482  0.470  -5.311 1.00 8.26  ? 7   TYR A HE1  1 
ATOM   106 H HE2  . TYR A 1 7 ? -4.347  3.659  -7.757 1.00 8.97  ? 7   TYR A HE2  1 
ATOM   107 H HH   . TYR A 1 7 ? -2.400  1.622  -6.335 1.00 12.41 ? 7   TYR A HH   1 
HETATM 108 O O    . HOH B 2 . ? -12.117 4.895  -5.877 1.00 18.76 ? 101 HOH A O    1 
HETATM 109 O O    . HOH B 2 . ? 7.435   -7.339 6.126  1.00 17.71 ? 102 HOH A O    1 
HETATM 110 O O    . HOH B 2 . ? -9.517  3.389  -0.315 1.00 11.15 ? 103 HOH A O    1 
HETATM 111 O O    . HOH B 2 . ? 6.487   -3.524 -1.605 1.00 14.56 ? 104 HOH A O    1 
HETATM 112 O O    . HOH B 2 . ? 7.394   -1.203 -0.282 1.00 12.75 ? 105 HOH A O    1 
HETATM 113 O O    . HOH B 2 . ? 7.587   -5.664 8.271  1.00 11.90 ? 106 HOH A O    1 
# 
